data_7ZN1
#
_entry.id   7ZN1
#
_cell.length_a   59.353
_cell.length_b   80.952
_cell.length_c   60.951
_cell.angle_alpha   90.000
_cell.angle_beta   119.079
_cell.angle_gamma   90.000
#
_symmetry.space_group_name_H-M   'P 1 21 1'
#
loop_
_entity.id
_entity.type
_entity.pdbx_description
1 polymer Avidin
2 branched 2-acetamido-2-deoxy-beta-D-glucopyranose-(1-4)-2-acetamido-2-deoxy-beta-D-glucopyranose
3 non-polymer 2-acetamido-2-deoxy-beta-D-glucopyranose
4 non-polymer 6-[(3~{a}~{S},4~{S},6~{a}~{R})-2-oxidanylidene-1,3,3~{a},4,6,6~{a}-hexahydrothieno[3,4-d]imidazol-4-yl]-~{N}-(2,2,6,6-tetramethyl-1-oxidanyl-piperidin-4-yl)hexanamide
5 non-polymer 'ZINC ION'
6 non-polymer 'SODIUM ION'
7 water water
#
_entity_poly.entity_id   1
_entity_poly.type   'polypeptide(L)'
_entity_poly.pdbx_seq_one_letter_code
;MVHATSPLLLLLLLSLALVAPGLSARKCSLTGKWTNDLGSNMTIGAVNSRGEFTGTYITAVTATSNEIKESPLHGTQNTI
NKRTQPTFGFTVNWKFSESTTVFTGQCFIDRNGKEVLKTMWLLRSSVNDIGDDWKATRVGINIFTRLRTQKE
;
_entity_poly.pdbx_strand_id   A,B,C,D
#
# COMPACT_ATOMS: atom_id res chain seq x y z
N LYS A 27 22.10 -18.93 -6.68
CA LYS A 27 22.09 -17.59 -6.09
C LYS A 27 21.40 -16.59 -7.01
N CYS A 28 20.85 -15.54 -6.41
CA CYS A 28 20.11 -14.50 -7.13
C CYS A 28 20.71 -13.15 -6.77
N SER A 29 21.46 -12.56 -7.70
CA SER A 29 22.10 -11.27 -7.48
C SER A 29 21.45 -10.21 -8.37
N LEU A 30 21.31 -9.00 -7.82
CA LEU A 30 20.66 -7.92 -8.55
C LEU A 30 21.54 -7.32 -9.64
N THR A 31 22.84 -7.57 -9.61
CA THR A 31 23.71 -7.09 -10.66
C THR A 31 23.24 -7.65 -12.00
N GLY A 32 22.90 -6.76 -12.93
CA GLY A 32 22.46 -7.18 -14.24
C GLY A 32 21.42 -6.22 -14.78
N LYS A 33 20.89 -6.58 -15.94
CA LYS A 33 19.86 -5.80 -16.62
C LYS A 33 18.52 -6.52 -16.48
N TRP A 34 17.51 -5.79 -16.03
CA TRP A 34 16.19 -6.34 -15.76
C TRP A 34 15.13 -5.60 -16.55
N THR A 35 13.98 -6.26 -16.70
CA THR A 35 12.79 -5.66 -17.30
C THR A 35 11.57 -6.19 -16.56
N ASN A 36 10.54 -5.35 -16.47
CA ASN A 36 9.36 -5.66 -15.67
C ASN A 36 8.12 -5.79 -16.56
N ASP A 37 6.99 -6.07 -15.91
CA ASP A 37 5.75 -6.33 -16.63
C ASP A 37 5.22 -5.11 -17.38
N LEU A 38 5.62 -3.91 -16.98
CA LEU A 38 5.23 -2.70 -17.71
C LEU A 38 6.15 -2.41 -18.90
N GLY A 39 7.21 -3.18 -19.08
CA GLY A 39 8.18 -2.93 -20.12
C GLY A 39 9.34 -2.05 -19.72
N SER A 40 9.31 -1.49 -18.51
CA SER A 40 10.44 -0.71 -18.02
C SER A 40 11.68 -1.58 -17.94
N ASN A 41 12.84 -0.95 -18.13
CA ASN A 41 14.13 -1.63 -18.04
C ASN A 41 14.92 -1.06 -16.88
N MET A 42 15.71 -1.93 -16.24
CA MET A 42 16.52 -1.55 -15.09
C MET A 42 17.86 -2.24 -15.19
N THR A 43 18.94 -1.48 -14.96
CA THR A 43 20.29 -2.02 -14.96
C THR A 43 20.93 -1.69 -13.62
N ILE A 44 21.37 -2.73 -12.91
CA ILE A 44 21.95 -2.60 -11.58
C ILE A 44 23.44 -2.95 -11.67
N GLY A 45 24.30 -2.02 -11.25
CA GLY A 45 25.73 -2.25 -11.27
C GLY A 45 26.17 -3.30 -10.27
N ALA A 46 27.35 -3.09 -9.69
CA ALA A 46 27.90 -4.05 -8.73
C ALA A 46 27.42 -3.74 -7.32
N VAL A 47 27.15 -4.80 -6.55
CA VAL A 47 26.76 -4.69 -5.15
C VAL A 47 27.98 -5.01 -4.31
N ASN A 48 28.39 -4.05 -3.48
CA ASN A 48 29.63 -4.18 -2.73
C ASN A 48 29.41 -5.04 -1.49
N SER A 49 30.44 -5.14 -0.64
CA SER A 49 30.42 -6.04 0.50
C SER A 49 29.37 -5.67 1.54
N ARG A 50 28.79 -4.47 1.46
CA ARG A 50 27.73 -4.06 2.38
C ARG A 50 26.35 -4.12 1.75
N GLY A 51 26.25 -4.47 0.47
CA GLY A 51 24.97 -4.54 -0.21
C GLY A 51 24.58 -3.30 -0.97
N GLU A 52 25.40 -2.25 -0.95
CA GLU A 52 25.06 -1.01 -1.63
C GLU A 52 25.28 -1.16 -3.13
N PHE A 53 24.35 -0.61 -3.91
CA PHE A 53 24.44 -0.69 -5.36
C PHE A 53 23.88 0.57 -5.96
N THR A 54 24.06 0.72 -7.27
CA THR A 54 23.61 1.86 -8.05
C THR A 54 23.18 1.36 -9.43
N GLY A 55 22.29 2.10 -10.06
CA GLY A 55 21.82 1.67 -11.37
C GLY A 55 21.04 2.77 -12.05
N THR A 56 20.53 2.43 -13.23
CA THR A 56 19.69 3.32 -14.01
C THR A 56 18.34 2.66 -14.26
N TYR A 57 17.31 3.49 -14.39
CA TYR A 57 15.95 3.02 -14.58
C TYR A 57 15.35 3.70 -15.80
N ILE A 58 14.83 2.90 -16.73
CA ILE A 58 14.22 3.41 -17.95
C ILE A 58 12.78 2.94 -17.94
N THR A 59 11.90 3.74 -17.34
CA THR A 59 10.50 3.38 -17.23
C THR A 59 9.85 3.36 -18.61
N ALA A 60 8.90 2.43 -18.78
CA ALA A 60 8.10 2.37 -19.98
C ALA A 60 6.83 3.22 -19.91
N VAL A 61 6.44 3.67 -18.71
CA VAL A 61 5.23 4.46 -18.52
C VAL A 61 5.57 5.69 -17.68
N THR A 62 4.75 6.72 -17.85
CA THR A 62 4.90 7.96 -17.11
C THR A 62 3.54 8.65 -17.03
N ALA A 63 3.55 9.90 -16.59
CA ALA A 63 2.31 10.68 -16.45
C ALA A 63 2.58 12.17 -16.58
N THR A 64 3.85 12.56 -16.51
CA THR A 64 4.22 13.96 -16.59
C THR A 64 4.12 14.46 -18.03
N SER A 65 4.03 15.78 -18.17
CA SER A 65 4.05 16.39 -19.49
C SER A 65 5.43 16.33 -20.13
N ASN A 66 6.47 16.12 -19.34
CA ASN A 66 7.84 16.13 -19.84
C ASN A 66 8.18 14.75 -20.42
N GLU A 67 9.40 14.64 -20.95
CA GLU A 67 9.83 13.44 -21.65
C GLU A 67 10.39 12.41 -20.68
N ILE A 68 10.28 11.14 -21.07
CA ILE A 68 10.88 10.06 -20.29
C ILE A 68 12.40 10.10 -20.44
N LYS A 69 13.10 9.95 -19.32
CA LYS A 69 14.55 10.01 -19.29
C LYS A 69 15.11 8.95 -18.36
N GLU A 70 16.18 8.29 -18.80
CA GLU A 70 16.90 7.34 -17.97
C GLU A 70 17.28 8.00 -16.64
N SER A 71 16.79 7.43 -15.54
CA SER A 71 17.03 8.06 -14.25
C SER A 71 17.92 7.19 -13.37
N PRO A 72 18.67 7.79 -12.45
CA PRO A 72 19.50 7.01 -11.54
C PRO A 72 18.69 6.36 -10.43
N LEU A 73 19.24 5.28 -9.89
CA LEU A 73 18.63 4.56 -8.78
C LEU A 73 19.71 4.16 -7.78
N HIS A 74 19.41 4.34 -6.50
CA HIS A 74 20.33 4.02 -5.42
C HIS A 74 19.62 3.15 -4.40
N GLY A 75 20.22 2.00 -4.10
CA GLY A 75 19.60 1.07 -3.18
C GLY A 75 20.59 0.20 -2.45
N THR A 76 20.10 -0.80 -1.73
CA THR A 76 20.96 -1.71 -0.99
C THR A 76 20.32 -3.10 -1.01
N GLN A 77 21.15 -4.11 -0.76
CA GLN A 77 20.72 -5.50 -0.68
C GLN A 77 21.10 -6.04 0.68
N ASN A 78 20.17 -6.76 1.30
CA ASN A 78 20.41 -7.27 2.65
C ASN A 78 21.50 -8.33 2.63
N THR A 79 22.47 -8.20 3.53
CA THR A 79 23.58 -9.13 3.62
C THR A 79 23.43 -10.12 4.76
N ILE A 80 22.41 -9.97 5.60
CA ILE A 80 22.28 -10.80 6.79
C ILE A 80 22.05 -12.24 6.37
N ASN A 81 22.98 -13.13 6.74
CA ASN A 81 22.97 -14.56 6.47
C ASN A 81 23.41 -14.88 5.05
N LYS A 82 23.74 -13.89 4.23
CA LYS A 82 24.13 -14.11 2.84
C LYS A 82 23.13 -15.03 2.12
N ARG A 83 21.85 -14.71 2.27
CA ARG A 83 20.80 -15.52 1.68
C ARG A 83 20.96 -15.55 0.16
N THR A 84 20.70 -16.73 -0.42
CA THR A 84 20.70 -16.86 -1.88
C THR A 84 19.51 -16.16 -2.51
N GLN A 85 18.49 -15.82 -1.72
CA GLN A 85 17.34 -15.05 -2.17
C GLN A 85 17.15 -13.90 -1.18
N PRO A 86 18.00 -12.89 -1.25
CA PRO A 86 17.96 -11.81 -0.26
C PRO A 86 16.91 -10.77 -0.61
N THR A 87 16.63 -9.91 0.36
CA THR A 87 15.73 -8.79 0.18
C THR A 87 16.51 -7.56 -0.24
N PHE A 88 15.80 -6.60 -0.85
CA PHE A 88 16.46 -5.42 -1.37
C PHE A 88 15.46 -4.27 -1.43
N GLY A 89 16.00 -3.07 -1.63
CA GLY A 89 15.20 -1.88 -1.82
C GLY A 89 16.02 -0.75 -2.40
N PHE A 90 15.48 -0.02 -3.36
CA PHE A 90 16.20 1.08 -3.98
C PHE A 90 15.23 2.23 -4.25
N THR A 91 15.80 3.42 -4.38
CA THR A 91 15.06 4.64 -4.69
C THR A 91 15.44 5.08 -6.10
N VAL A 92 14.43 5.44 -6.89
CA VAL A 92 14.63 5.98 -8.23
C VAL A 92 14.45 7.49 -8.16
N ASN A 93 15.55 8.22 -8.34
CA ASN A 93 15.52 9.68 -8.35
C ASN A 93 15.27 10.13 -9.78
N TRP A 94 14.00 10.36 -10.10
CA TRP A 94 13.61 10.69 -11.47
C TRP A 94 14.25 11.98 -11.93
N LYS A 95 14.68 12.00 -13.19
CA LYS A 95 15.35 13.15 -13.77
C LYS A 95 14.43 14.01 -14.62
N PHE A 96 13.14 13.65 -14.71
CA PHE A 96 12.19 14.42 -15.49
C PHE A 96 10.88 14.67 -14.77
N SER A 97 10.72 14.15 -13.55
CA SER A 97 9.51 14.37 -12.77
C SER A 97 9.89 14.82 -11.36
N GLU A 98 8.97 15.55 -10.74
CA GLU A 98 9.19 16.02 -9.37
C GLU A 98 8.91 14.94 -8.34
N SER A 99 8.49 13.75 -8.76
CA SER A 99 8.09 12.69 -7.85
C SER A 99 9.28 11.78 -7.50
N THR A 100 9.01 10.81 -6.64
CA THR A 100 10.01 9.84 -6.22
C THR A 100 9.33 8.48 -6.07
N THR A 101 10.03 7.43 -6.47
CA THR A 101 9.52 6.06 -6.38
C THR A 101 10.52 5.19 -5.64
N VAL A 102 10.04 4.39 -4.70
CA VAL A 102 10.86 3.44 -3.95
C VAL A 102 10.33 2.04 -4.22
N PHE A 103 11.24 1.10 -4.47
CA PHE A 103 10.91 -0.29 -4.67
C PHE A 103 11.47 -1.12 -3.52
N THR A 104 10.87 -2.27 -3.29
CA THR A 104 11.41 -3.26 -2.36
C THR A 104 10.82 -4.62 -2.68
N GLY A 105 11.62 -5.66 -2.51
CA GLY A 105 11.17 -7.00 -2.84
C GLY A 105 12.27 -8.00 -2.54
N GLN A 106 12.17 -9.15 -3.21
CA GLN A 106 13.08 -10.26 -2.93
C GLN A 106 13.57 -10.86 -4.23
N CYS A 107 14.87 -11.15 -4.29
CA CYS A 107 15.49 -11.84 -5.41
C CYS A 107 15.12 -13.32 -5.31
N PHE A 108 14.25 -13.79 -6.19
CA PHE A 108 13.75 -15.14 -6.14
C PHE A 108 14.33 -15.99 -7.26
N ILE A 109 14.47 -17.29 -6.99
CA ILE A 109 14.85 -18.29 -7.98
C ILE A 109 13.64 -19.18 -8.24
N ASP A 110 13.12 -19.13 -9.46
CA ASP A 110 11.92 -19.89 -9.81
C ASP A 110 12.10 -21.39 -9.60
N ARG A 111 11.05 -22.16 -9.92
CA ARG A 111 11.16 -23.62 -9.90
C ARG A 111 11.99 -24.10 -11.09
N ASN A 112 11.83 -23.47 -12.25
CA ASN A 112 12.64 -23.82 -13.41
C ASN A 112 14.09 -23.41 -13.24
N GLY A 113 14.39 -22.52 -12.30
CA GLY A 113 15.72 -22.01 -12.10
C GLY A 113 15.99 -20.63 -12.64
N LYS A 114 14.95 -19.87 -12.97
CA LYS A 114 15.10 -18.53 -13.51
C LYS A 114 14.99 -17.50 -12.39
N GLU A 115 15.83 -16.47 -12.47
CA GLU A 115 15.82 -15.39 -11.49
C GLU A 115 14.64 -14.47 -11.74
N VAL A 116 13.93 -14.12 -10.67
CA VAL A 116 12.79 -13.22 -10.76
C VAL A 116 12.81 -12.30 -9.54
N LEU A 117 12.49 -11.03 -9.77
CA LEU A 117 12.36 -10.03 -8.70
C LEU A 117 10.87 -9.76 -8.47
N LYS A 118 10.43 -9.95 -7.23
CA LYS A 118 9.06 -9.63 -6.82
C LYS A 118 9.11 -8.37 -5.97
N THR A 119 8.60 -7.26 -6.51
CA THR A 119 8.74 -5.98 -5.85
C THR A 119 7.38 -5.31 -5.70
N MET A 120 7.31 -4.40 -4.72
CA MET A 120 6.22 -3.46 -4.58
C MET A 120 6.82 -2.06 -4.40
N TRP A 121 6.16 -1.07 -4.97
CA TRP A 121 6.69 0.28 -5.00
C TRP A 121 5.69 1.28 -4.44
N LEU A 122 6.22 2.35 -3.85
CA LEU A 122 5.44 3.52 -3.48
C LEU A 122 5.88 4.67 -4.36
N LEU A 123 4.91 5.40 -4.93
CA LEU A 123 5.18 6.51 -5.84
C LEU A 123 4.71 7.79 -5.16
N ARG A 124 5.64 8.49 -4.52
CA ARG A 124 5.34 9.73 -3.83
C ARG A 124 5.22 10.88 -4.83
N SER A 125 4.11 11.60 -4.78
CA SER A 125 3.89 12.76 -5.61
C SER A 125 4.22 14.03 -4.83
N SER A 126 4.59 15.07 -5.56
CA SER A 126 4.89 16.36 -4.96
C SER A 126 3.61 17.18 -4.86
N VAL A 127 3.31 17.65 -3.64
CA VAL A 127 2.15 18.48 -3.37
C VAL A 127 2.61 19.69 -2.58
N ASN A 128 2.15 20.88 -2.99
CA ASN A 128 2.57 22.09 -2.29
C ASN A 128 1.90 22.21 -0.93
N ASP A 129 0.67 21.73 -0.79
CA ASP A 129 -0.05 21.78 0.47
C ASP A 129 0.24 20.53 1.29
N ILE A 130 0.68 20.72 2.54
CA ILE A 130 0.82 19.59 3.43
C ILE A 130 -0.52 18.95 3.73
N GLY A 131 -1.63 19.70 3.56
CA GLY A 131 -2.94 19.10 3.64
C GLY A 131 -3.29 18.22 2.46
N ASP A 132 -2.60 18.41 1.33
CA ASP A 132 -2.76 17.54 0.17
C ASP A 132 -1.88 16.30 0.26
N ASP A 133 -1.25 16.05 1.41
CA ASP A 133 -0.33 14.92 1.52
C ASP A 133 -1.07 13.58 1.46
N TRP A 134 -2.35 13.56 1.86
CA TRP A 134 -3.10 12.30 1.92
C TRP A 134 -3.23 11.64 0.56
N LYS A 135 -3.06 12.40 -0.53
CA LYS A 135 -3.27 11.88 -1.87
C LYS A 135 -1.98 11.73 -2.68
N ALA A 136 -0.82 11.94 -2.05
CA ALA A 136 0.44 12.04 -2.78
C ALA A 136 1.24 10.75 -2.79
N THR A 137 0.60 9.60 -2.57
CA THR A 137 1.30 8.32 -2.51
C THR A 137 0.50 7.26 -3.24
N ARG A 138 1.04 6.77 -4.35
CA ARG A 138 0.50 5.62 -5.06
C ARG A 138 1.24 4.36 -4.65
N VAL A 139 0.61 3.21 -4.93
CA VAL A 139 1.17 1.91 -4.58
C VAL A 139 0.93 0.94 -5.74
N GLY A 140 1.84 -0.01 -5.89
CA GLY A 140 1.77 -0.95 -6.98
C GLY A 140 2.84 -2.02 -6.83
N ILE A 141 2.88 -2.91 -7.80
CA ILE A 141 3.81 -4.03 -7.80
C ILE A 141 4.63 -3.98 -9.08
N ASN A 142 5.61 -4.89 -9.15
CA ASN A 142 6.44 -5.05 -10.34
C ASN A 142 7.17 -6.38 -10.24
N ILE A 143 7.18 -7.11 -11.35
CA ILE A 143 7.90 -8.37 -11.48
C ILE A 143 9.01 -8.15 -12.51
N PHE A 144 10.23 -8.55 -12.16
CA PHE A 144 11.39 -8.34 -13.01
C PHE A 144 12.01 -9.67 -13.38
N THR A 145 12.47 -9.77 -14.63
CA THR A 145 13.27 -10.90 -15.09
C THR A 145 14.45 -10.36 -15.88
N ARG A 146 15.45 -11.22 -16.08
CA ARG A 146 16.67 -10.80 -16.77
C ARG A 146 16.35 -10.45 -18.22
N LEU A 147 17.03 -9.43 -18.73
CA LEU A 147 16.79 -8.95 -20.08
C LEU A 147 17.83 -9.50 -21.06
N CYS B 28 13.79 23.45 3.93
CA CYS B 28 13.43 22.07 4.25
C CYS B 28 14.44 21.09 3.66
N SER B 29 15.46 20.73 4.43
CA SER B 29 16.46 19.77 4.01
C SER B 29 16.50 18.62 5.00
N LEU B 30 16.71 17.40 4.49
CA LEU B 30 16.63 16.21 5.32
C LEU B 30 17.83 16.06 6.26
N THR B 31 18.89 16.84 6.06
CA THR B 31 20.07 16.71 6.91
C THR B 31 19.74 17.10 8.34
N GLY B 32 20.20 16.29 9.30
CA GLY B 32 20.00 16.54 10.70
C GLY B 32 19.45 15.31 11.40
N LYS B 33 19.03 15.50 12.65
CA LYS B 33 18.44 14.44 13.45
C LYS B 33 16.92 14.51 13.33
N TRP B 34 16.29 13.36 13.12
CA TRP B 34 14.84 13.27 13.00
C TRP B 34 14.32 12.22 13.98
N THR B 35 13.05 12.37 14.34
CA THR B 35 12.37 11.40 15.19
C THR B 35 10.92 11.28 14.74
N ASN B 36 10.40 10.06 14.75
CA ASN B 36 9.05 9.78 14.26
C ASN B 36 8.11 9.43 15.40
N ASP B 37 6.87 9.12 15.03
CA ASP B 37 5.82 8.86 16.02
C ASP B 37 6.08 7.60 16.82
N LEU B 38 6.79 6.62 16.24
CA LEU B 38 7.10 5.40 16.95
C LEU B 38 8.26 5.54 17.92
N GLY B 39 8.93 6.70 17.93
CA GLY B 39 10.11 6.89 18.74
C GLY B 39 11.42 6.56 18.06
N SER B 40 11.39 6.15 16.80
CA SER B 40 12.61 5.88 16.06
C SER B 40 13.36 7.18 15.78
N ASN B 41 14.69 7.09 15.75
CA ASN B 41 15.54 8.21 15.42
C ASN B 41 16.23 7.98 14.08
N MET B 42 16.48 9.07 13.37
CA MET B 42 17.13 9.02 12.07
C MET B 42 18.06 10.21 11.92
N THR B 43 19.28 9.96 11.44
CA THR B 43 20.27 11.00 11.20
C THR B 43 20.68 10.94 9.73
N ILE B 44 20.42 12.02 9.01
CA ILE B 44 20.70 12.11 7.58
C ILE B 44 21.85 13.08 7.37
N GLY B 45 22.93 12.58 6.76
CA GLY B 45 24.09 13.41 6.48
C GLY B 45 23.84 14.44 5.41
N ALA B 46 24.88 14.76 4.63
CA ALA B 46 24.77 15.79 3.61
C ALA B 46 24.16 15.24 2.33
N VAL B 47 23.50 16.11 1.57
CA VAL B 47 22.82 15.76 0.34
C VAL B 47 23.56 16.45 -0.80
N ASN B 48 24.23 15.66 -1.63
CA ASN B 48 25.10 16.22 -2.65
C ASN B 48 24.27 16.83 -3.78
N SER B 49 24.97 17.39 -4.77
CA SER B 49 24.30 18.10 -5.86
C SER B 49 23.26 17.21 -6.55
N ARG B 50 23.56 15.93 -6.70
CA ARG B 50 22.62 15.00 -7.31
C ARG B 50 21.47 14.62 -6.38
N GLY B 51 21.45 15.14 -5.17
CA GLY B 51 20.40 14.81 -4.20
C GLY B 51 20.65 13.56 -3.40
N GLU B 52 21.85 12.98 -3.49
CA GLU B 52 22.14 11.73 -2.79
C GLU B 52 22.52 11.99 -1.34
N PHE B 53 22.09 11.10 -0.45
CA PHE B 53 22.37 11.25 0.97
C PHE B 53 22.48 9.88 1.62
N THR B 54 23.15 9.86 2.76
CA THR B 54 23.31 8.67 3.59
C THR B 54 22.93 9.04 5.03
N GLY B 55 22.74 8.01 5.86
CA GLY B 55 22.41 8.28 7.25
C GLY B 55 22.38 6.99 8.04
N THR B 56 22.04 7.13 9.31
CA THR B 56 21.85 6.00 10.20
C THR B 56 20.42 6.01 10.72
N TYR B 57 19.84 4.82 10.87
CA TYR B 57 18.46 4.68 11.32
C TYR B 57 18.44 3.93 12.65
N ILE B 58 17.87 4.55 13.68
CA ILE B 58 17.74 3.96 14.99
C ILE B 58 16.27 3.64 15.21
N THR B 59 15.92 2.36 15.11
CA THR B 59 14.54 1.93 15.23
C THR B 59 14.19 1.70 16.69
N ALA B 60 13.03 2.25 17.10
CA ALA B 60 12.56 2.03 18.46
C ALA B 60 11.82 0.71 18.61
N VAL B 61 11.09 0.28 17.58
CA VAL B 61 10.36 -0.98 17.61
C VAL B 61 10.97 -1.92 16.58
N THR B 62 10.86 -3.22 16.84
CA THR B 62 11.41 -4.23 15.94
C THR B 62 10.36 -5.30 15.63
N LYS B 69 17.50 -0.55 17.32
CA LYS B 69 18.82 -0.93 16.83
C LYS B 69 19.20 -0.14 15.57
N GLU B 70 20.49 0.13 15.40
CA GLU B 70 20.97 0.99 14.33
C GLU B 70 21.22 0.20 13.04
N SER B 71 21.05 0.88 11.92
CA SER B 71 21.32 0.31 10.61
C SER B 71 21.49 1.44 9.61
N PRO B 72 22.35 1.27 8.61
CA PRO B 72 22.57 2.35 7.64
C PRO B 72 21.36 2.54 6.73
N LEU B 73 21.29 3.72 6.12
CA LEU B 73 20.23 4.06 5.20
C LEU B 73 20.82 4.80 4.00
N HIS B 74 20.23 4.56 2.83
CA HIS B 74 20.66 5.19 1.60
C HIS B 74 19.43 5.66 0.84
N GLY B 75 19.53 6.84 0.23
CA GLY B 75 18.40 7.36 -0.52
C GLY B 75 18.80 8.62 -1.25
N THR B 76 17.85 9.12 -2.04
CA THR B 76 18.05 10.34 -2.81
C THR B 76 16.85 11.25 -2.65
N GLN B 77 17.08 12.54 -2.91
CA GLN B 77 16.05 13.56 -2.87
C GLN B 77 15.93 14.18 -4.25
N ASN B 78 14.70 14.44 -4.67
CA ASN B 78 14.49 15.05 -5.98
C ASN B 78 15.05 16.47 -5.98
N THR B 79 15.75 16.81 -7.05
CA THR B 79 16.44 18.09 -7.13
C THR B 79 15.62 19.18 -7.81
N ILE B 80 14.93 18.84 -8.89
CA ILE B 80 14.19 19.82 -9.68
C ILE B 80 13.27 20.66 -8.80
N THR B 84 12.39 23.41 -2.33
CA THR B 84 11.72 23.94 -1.15
C THR B 84 11.10 22.82 -0.32
N GLN B 85 10.02 22.23 -0.84
CA GLN B 85 9.40 21.07 -0.21
C GLN B 85 9.58 19.87 -1.14
N PRO B 86 10.79 19.32 -1.24
CA PRO B 86 11.04 18.25 -2.21
C PRO B 86 10.58 16.89 -1.71
N THR B 87 10.34 16.00 -2.65
CA THR B 87 10.08 14.60 -2.35
C THR B 87 11.39 13.85 -2.22
N PHE B 88 11.35 12.75 -1.47
CA PHE B 88 12.55 11.98 -1.23
C PHE B 88 12.18 10.51 -1.03
N GLY B 89 13.21 9.67 -0.94
CA GLY B 89 13.06 8.26 -0.70
C GLY B 89 14.38 7.64 -0.34
N PHE B 90 14.37 6.68 0.59
CA PHE B 90 15.62 6.03 0.99
C PHE B 90 15.31 4.60 1.41
N THR B 91 16.34 3.77 1.37
CA THR B 91 16.28 2.39 1.84
C THR B 91 17.05 2.28 3.15
N VAL B 92 16.54 1.45 4.05
CA VAL B 92 17.19 1.18 5.33
C VAL B 92 17.64 -0.26 5.30
N ASN B 93 18.95 -0.48 5.15
CA ASN B 93 19.50 -1.83 5.08
C ASN B 93 19.72 -2.32 6.50
N TRP B 94 18.76 -3.07 7.02
CA TRP B 94 18.82 -3.55 8.40
C TRP B 94 19.98 -4.51 8.59
N LYS B 95 20.58 -4.46 9.78
CA LYS B 95 21.75 -5.26 10.10
C LYS B 95 21.49 -6.30 11.18
N PHE B 96 20.27 -6.39 11.70
CA PHE B 96 19.91 -7.41 12.67
C PHE B 96 18.74 -8.27 12.19
N SER B 97 18.34 -8.13 10.94
CA SER B 97 17.30 -8.98 10.36
C SER B 97 17.54 -9.06 8.85
N GLU B 98 16.90 -10.06 8.23
CA GLU B 98 17.00 -10.24 6.79
C GLU B 98 16.09 -9.30 6.02
N SER B 99 15.35 -8.43 6.70
CA SER B 99 14.33 -7.61 6.06
C SER B 99 14.92 -6.32 5.50
N THR B 100 14.13 -5.66 4.65
CA THR B 100 14.49 -4.37 4.08
C THR B 100 13.28 -3.45 4.12
N THR B 101 13.50 -2.20 4.52
CA THR B 101 12.44 -1.19 4.57
C THR B 101 12.80 -0.03 3.65
N VAL B 102 11.78 0.51 2.98
CA VAL B 102 11.93 1.67 2.11
C VAL B 102 10.94 2.74 2.54
N PHE B 103 11.42 3.97 2.64
CA PHE B 103 10.60 5.13 2.99
C PHE B 103 10.48 6.06 1.80
N THR B 104 9.38 6.80 1.75
CA THR B 104 9.21 7.83 0.73
C THR B 104 8.22 8.87 1.24
N GLY B 105 8.50 10.13 0.98
CA GLY B 105 7.65 11.19 1.46
C GLY B 105 8.06 12.54 0.91
N GLN B 106 7.61 13.58 1.60
CA GLN B 106 7.87 14.95 1.19
C GLN B 106 8.22 15.79 2.41
N CYS B 107 9.12 16.76 2.21
CA CYS B 107 9.56 17.66 3.27
C CYS B 107 8.62 18.87 3.28
N PHE B 108 7.79 18.97 4.32
CA PHE B 108 6.81 20.04 4.43
C PHE B 108 7.24 21.06 5.47
N ILE B 109 6.56 22.20 5.46
CA ILE B 109 6.77 23.28 6.42
C ILE B 109 5.42 23.60 7.05
N ASP B 110 5.25 23.22 8.31
CA ASP B 110 3.95 23.37 8.96
C ASP B 110 3.55 24.85 9.04
N ARG B 111 2.27 25.07 9.38
CA ARG B 111 1.78 26.43 9.55
C ARG B 111 2.61 27.20 10.56
N ASN B 112 3.00 26.55 11.66
CA ASN B 112 3.83 27.20 12.67
C ASN B 112 5.26 27.44 12.19
N GLY B 113 5.68 26.80 11.09
CA GLY B 113 7.02 26.96 10.56
C GLY B 113 7.95 25.80 10.84
N LYS B 114 7.48 24.74 11.48
CA LYS B 114 8.31 23.59 11.77
C LYS B 114 8.39 22.65 10.58
N GLU B 115 9.55 22.03 10.40
CA GLU B 115 9.73 21.06 9.33
C GLU B 115 9.14 19.72 9.73
N VAL B 116 8.33 19.14 8.85
CA VAL B 116 7.68 17.86 9.09
C VAL B 116 7.94 16.96 7.88
N LEU B 117 8.40 15.74 8.14
CA LEU B 117 8.59 14.73 7.11
C LEU B 117 7.41 13.77 7.16
N LYS B 118 6.55 13.83 6.15
CA LYS B 118 5.40 12.94 6.02
C LYS B 118 5.78 11.84 5.04
N THR B 119 5.85 10.60 5.51
CA THR B 119 6.35 9.51 4.68
C THR B 119 5.48 8.27 4.84
N MET B 120 5.62 7.38 3.85
CA MET B 120 5.06 6.04 3.91
C MET B 120 6.18 5.05 3.59
N TRP B 121 6.06 3.85 4.14
CA TRP B 121 7.12 2.86 4.02
C TRP B 121 6.55 1.49 3.65
N LEU B 122 7.41 0.66 3.06
CA LEU B 122 7.13 -0.74 2.79
C LEU B 122 8.21 -1.58 3.46
N LEU B 123 7.80 -2.50 4.32
CA LEU B 123 8.72 -3.36 5.06
C LEU B 123 8.66 -4.76 4.45
N ARG B 124 9.64 -5.08 3.62
CA ARG B 124 9.69 -6.39 2.97
C ARG B 124 10.34 -7.42 3.88
N SER B 125 9.66 -8.53 4.10
CA SER B 125 10.18 -9.63 4.88
C SER B 125 10.85 -10.66 3.97
N SER B 126 11.59 -11.58 4.59
CA SER B 126 12.31 -12.62 3.88
C SER B 126 11.50 -13.90 3.96
N VAL B 127 10.96 -14.34 2.83
CA VAL B 127 10.26 -15.62 2.74
C VAL B 127 11.16 -16.60 1.99
N ASN B 128 10.89 -17.89 2.18
CA ASN B 128 11.71 -18.93 1.57
C ASN B 128 11.32 -19.17 0.12
N ASP B 129 10.15 -19.77 -0.10
CA ASP B 129 9.69 -20.05 -1.45
C ASP B 129 8.92 -18.86 -2.00
N ILE B 130 9.08 -18.61 -3.31
CA ILE B 130 8.39 -17.51 -3.95
C ILE B 130 6.88 -17.68 -3.86
N GLY B 131 6.39 -18.87 -3.53
CA GLY B 131 4.97 -19.06 -3.30
C GLY B 131 4.46 -18.38 -2.04
N ASP B 132 5.34 -18.04 -1.12
CA ASP B 132 4.99 -17.31 0.09
C ASP B 132 5.16 -15.80 -0.09
N ASP B 133 5.32 -15.32 -1.32
CA ASP B 133 5.60 -13.91 -1.55
C ASP B 133 4.41 -13.01 -1.27
N TRP B 134 3.19 -13.52 -1.34
CA TRP B 134 2.00 -12.70 -1.17
C TRP B 134 1.92 -12.07 0.22
N LYS B 135 2.67 -12.61 1.20
CA LYS B 135 2.53 -12.19 2.59
C LYS B 135 3.77 -11.47 3.12
N ALA B 136 4.67 -11.05 2.23
CA ALA B 136 5.99 -10.59 2.66
C ALA B 136 6.11 -9.08 2.83
N THR B 137 5.14 -8.29 2.35
CA THR B 137 5.26 -6.84 2.35
C THR B 137 4.22 -6.21 3.28
N ARG B 138 4.69 -5.53 4.31
CA ARG B 138 3.87 -4.66 5.14
C ARG B 138 3.91 -3.23 4.62
N VAL B 139 3.05 -2.38 5.18
CA VAL B 139 2.95 -1.00 4.75
C VAL B 139 2.48 -0.14 5.93
N GLY B 140 2.90 1.12 5.92
CA GLY B 140 2.54 2.02 7.00
C GLY B 140 3.08 3.41 6.72
N ILE B 141 2.96 4.27 7.75
CA ILE B 141 3.37 5.67 7.64
C ILE B 141 4.33 5.99 8.77
N ASN B 142 4.99 7.14 8.64
CA ASN B 142 5.80 7.71 9.71
C ASN B 142 5.91 9.20 9.50
N ILE B 143 5.80 9.96 10.59
CA ILE B 143 5.93 11.41 10.59
C ILE B 143 7.15 11.78 11.42
N PHE B 144 8.07 12.53 10.82
CA PHE B 144 9.32 12.90 11.47
C PHE B 144 9.33 14.39 11.77
N THR B 145 9.91 14.73 12.92
CA THR B 145 10.20 16.11 13.28
C THR B 145 11.64 16.19 13.75
N ARG B 146 12.22 17.39 13.62
CA ARG B 146 13.62 17.59 13.98
C ARG B 146 13.85 17.26 15.44
N LEU B 147 14.77 16.33 15.70
CA LEU B 147 15.11 15.96 17.06
C LEU B 147 15.92 17.05 17.75
N CYS C 28 -15.34 -1.92 22.50
CA CYS C 28 -14.86 -1.18 21.34
C CYS C 28 -15.69 -1.49 20.11
N SER C 29 -16.95 -1.03 20.11
CA SER C 29 -17.87 -1.29 19.02
C SER C 29 -17.76 -0.20 17.97
N LEU C 30 -17.85 -0.61 16.71
CA LEU C 30 -17.80 0.34 15.60
C LEU C 30 -19.05 1.21 15.53
N THR C 31 -20.14 0.79 16.15
CA THR C 31 -21.37 1.58 16.11
C THR C 31 -21.15 2.94 16.75
N GLY C 32 -21.58 3.98 16.05
CA GLY C 32 -21.46 5.34 16.53
C GLY C 32 -21.00 6.25 15.41
N LYS C 33 -20.66 7.48 15.79
CA LYS C 33 -20.11 8.47 14.86
C LYS C 33 -18.65 8.71 15.17
N TRP C 34 -17.84 8.76 14.12
CA TRP C 34 -16.39 8.90 14.27
C TRP C 34 -15.90 10.06 13.43
N THR C 35 -14.71 10.56 13.80
CA THR C 35 -14.01 11.59 13.05
C THR C 35 -12.53 11.23 12.98
N ASN C 36 -11.90 11.53 11.85
CA ASN C 36 -10.52 11.16 11.62
C ASN C 36 -9.62 12.39 11.57
N ASP C 37 -8.32 12.14 11.40
CA ASP C 37 -7.33 13.21 11.41
C ASP C 37 -7.58 14.22 10.29
N LEU C 38 -8.10 13.77 9.15
CA LEU C 38 -8.40 14.68 8.06
C LEU C 38 -9.65 15.51 8.29
N GLY C 39 -10.38 15.27 9.38
CA GLY C 39 -11.63 15.96 9.62
C GLY C 39 -12.85 15.31 9.02
N SER C 40 -12.74 14.08 8.53
CA SER C 40 -13.87 13.38 7.96
C SER C 40 -14.73 12.73 9.04
N ASN C 41 -16.02 12.65 8.77
CA ASN C 41 -16.98 12.02 9.67
C ASN C 41 -17.56 10.77 9.04
N MET C 42 -17.85 9.77 9.86
CA MET C 42 -18.54 8.59 9.41
C MET C 42 -19.41 8.06 10.54
N THR C 43 -20.64 7.67 10.21
CA THR C 43 -21.57 7.11 11.16
C THR C 43 -21.78 5.64 10.83
N ILE C 44 -21.37 4.75 11.74
CA ILE C 44 -21.51 3.32 11.56
C ILE C 44 -22.73 2.85 12.36
N GLY C 45 -23.73 2.35 11.64
CA GLY C 45 -24.92 1.82 12.28
C GLY C 45 -24.65 0.56 13.08
N ALA C 46 -25.67 -0.26 13.27
CA ALA C 46 -25.54 -1.45 14.09
C ALA C 46 -24.76 -2.54 13.36
N VAL C 47 -24.04 -3.35 14.14
CA VAL C 47 -23.31 -4.50 13.63
C VAL C 47 -24.09 -5.74 14.01
N ASN C 48 -24.54 -6.49 13.00
CA ASN C 48 -25.43 -7.62 13.24
C ASN C 48 -24.62 -8.81 13.75
N SER C 49 -25.27 -9.99 13.76
CA SER C 49 -24.66 -11.18 14.35
C SER C 49 -23.40 -11.58 13.59
N ARG C 50 -23.39 -11.43 12.28
CA ARG C 50 -22.28 -11.85 11.44
C ARG C 50 -21.17 -10.82 11.33
N GLY C 51 -21.32 -9.67 11.98
CA GLY C 51 -20.36 -8.60 11.86
C GLY C 51 -20.66 -7.60 10.76
N GLU C 52 -21.71 -7.81 9.98
CA GLU C 52 -22.05 -6.90 8.91
C GLU C 52 -22.60 -5.60 9.47
N PHE C 53 -22.24 -4.49 8.82
CA PHE C 53 -22.71 -3.17 9.26
C PHE C 53 -22.79 -2.25 8.05
N THR C 54 -23.56 -1.17 8.22
CA THR C 54 -23.73 -0.13 7.21
C THR C 54 -23.57 1.23 7.86
N GLY C 55 -23.40 2.25 7.04
CA GLY C 55 -23.22 3.59 7.57
C GLY C 55 -23.04 4.61 6.47
N THR C 56 -22.64 5.81 6.87
CA THR C 56 -22.40 6.90 5.95
C THR C 56 -21.04 7.53 6.22
N TYR C 57 -20.49 8.18 5.20
CA TYR C 57 -19.15 8.76 5.29
C TYR C 57 -19.18 10.15 4.68
N ILE C 58 -18.80 11.15 5.48
CA ILE C 58 -18.75 12.53 5.02
C ILE C 58 -17.30 12.99 4.95
N THR C 59 -16.64 12.72 3.83
CA THR C 59 -15.23 13.08 3.69
C THR C 59 -15.05 14.58 3.79
N ALA C 60 -14.03 14.99 4.53
CA ALA C 60 -13.71 16.41 4.66
C ALA C 60 -12.84 16.92 3.53
N VAL C 61 -12.21 16.04 2.76
CA VAL C 61 -11.27 16.46 1.73
C VAL C 61 -11.58 15.71 0.43
N THR C 62 -11.20 16.34 -0.68
CA THR C 62 -11.34 15.80 -2.02
C THR C 62 -10.57 16.69 -2.97
N ALA C 63 -10.14 16.12 -4.09
CA ALA C 63 -9.46 16.89 -5.12
C ALA C 63 -10.25 16.97 -6.42
N THR C 64 -11.46 16.41 -6.45
CA THR C 64 -12.31 16.51 -7.62
C THR C 64 -12.97 17.88 -7.68
N SER C 65 -13.50 18.22 -8.85
CA SER C 65 -14.24 19.46 -9.02
C SER C 65 -15.69 19.33 -8.56
N ASN C 66 -16.19 18.11 -8.37
CA ASN C 66 -17.56 17.93 -7.91
C ASN C 66 -17.67 18.27 -6.43
N GLU C 67 -18.90 18.58 -6.02
CA GLU C 67 -19.17 18.94 -4.64
C GLU C 67 -19.24 17.70 -3.78
N ILE C 68 -18.57 17.73 -2.63
CA ILE C 68 -18.58 16.58 -1.73
C ILE C 68 -20.02 16.21 -1.40
N LYS C 69 -20.25 14.91 -1.25
CA LYS C 69 -21.60 14.41 -1.00
C LYS C 69 -21.53 13.19 -0.10
N GLU C 70 -22.33 13.19 0.96
CA GLU C 70 -22.39 12.06 1.88
C GLU C 70 -22.59 10.77 1.09
N SER C 71 -21.78 9.76 1.40
CA SER C 71 -21.80 8.51 0.66
C SER C 71 -21.97 7.34 1.61
N PRO C 72 -22.56 6.24 1.12
CA PRO C 72 -22.76 5.08 1.98
C PRO C 72 -21.48 4.27 2.15
N LEU C 73 -21.47 3.46 3.21
CA LEU C 73 -20.36 2.54 3.46
C LEU C 73 -20.92 1.19 3.85
N HIS C 74 -20.24 0.12 3.43
CA HIS C 74 -20.62 -1.24 3.77
C HIS C 74 -19.36 -2.00 4.13
N GLY C 75 -19.41 -2.68 5.28
CA GLY C 75 -18.24 -3.41 5.75
C GLY C 75 -18.66 -4.43 6.78
N THR C 76 -17.73 -5.35 7.07
CA THR C 76 -17.96 -6.38 8.05
C THR C 76 -16.88 -6.31 9.13
N GLN C 77 -17.17 -6.94 10.25
CA GLN C 77 -16.28 -6.98 11.40
C GLN C 77 -15.99 -8.43 11.75
N ASN C 78 -14.73 -8.72 12.08
CA ASN C 78 -14.36 -10.10 12.33
C ASN C 78 -14.91 -10.56 13.67
N THR C 79 -15.63 -11.68 13.65
CA THR C 79 -16.27 -12.21 14.84
C THR C 79 -15.49 -13.35 15.49
N ILE C 80 -14.50 -13.91 14.81
CA ILE C 80 -13.70 -15.00 15.35
C ILE C 80 -13.11 -14.59 16.69
N ASN C 81 -13.54 -15.25 17.76
CA ASN C 81 -13.08 -14.94 19.11
C ASN C 81 -13.65 -13.60 19.59
N ARG C 83 -13.78 -10.44 19.51
CA ARG C 83 -12.75 -10.10 20.48
C ARG C 83 -12.93 -8.67 21.02
N THR C 84 -12.23 -8.37 22.11
CA THR C 84 -12.27 -7.03 22.67
C THR C 84 -11.92 -5.98 21.62
N GLN C 85 -10.87 -6.24 20.84
CA GLN C 85 -10.39 -5.32 19.80
C GLN C 85 -10.37 -6.07 18.47
N PRO C 86 -11.48 -6.05 17.73
CA PRO C 86 -11.57 -6.83 16.50
C PRO C 86 -11.09 -6.07 15.27
N THR C 87 -10.65 -6.83 14.27
CA THR C 87 -10.30 -6.27 12.98
C THR C 87 -11.55 -6.16 12.11
N PHE C 88 -11.54 -5.19 11.20
CA PHE C 88 -12.71 -4.91 10.39
C PHE C 88 -12.28 -4.32 9.05
N GLY C 89 -13.27 -4.15 8.18
CA GLY C 89 -13.05 -3.52 6.90
C GLY C 89 -14.37 -3.12 6.29
N PHE C 90 -14.35 -2.02 5.54
CA PHE C 90 -15.57 -1.54 4.91
C PHE C 90 -15.22 -0.76 3.66
N THR C 91 -16.13 -0.80 2.69
CA THR C 91 -16.02 -0.05 1.45
C THR C 91 -16.87 1.21 1.54
N VAL C 92 -16.36 2.30 0.98
CA VAL C 92 -17.11 3.55 0.83
C VAL C 92 -17.45 3.70 -0.64
N ASN C 93 -18.75 3.74 -0.95
CA ASN C 93 -19.21 3.84 -2.33
C ASN C 93 -19.49 5.32 -2.62
N TRP C 94 -18.46 6.03 -3.08
CA TRP C 94 -18.59 7.45 -3.30
C TRP C 94 -19.71 7.74 -4.30
N LYS C 95 -20.52 8.75 -3.99
CA LYS C 95 -21.63 9.15 -4.84
C LYS C 95 -21.38 10.47 -5.56
N PHE C 96 -20.20 11.05 -5.41
CA PHE C 96 -19.81 12.22 -6.17
C PHE C 96 -18.57 11.99 -7.03
N SER C 97 -17.99 10.80 -6.96
CA SER C 97 -16.80 10.45 -7.73
C SER C 97 -16.95 9.06 -8.31
N GLU C 98 -16.18 8.77 -9.35
CA GLU C 98 -16.19 7.45 -9.96
C GLU C 98 -15.25 6.47 -9.25
N SER C 99 -14.56 6.91 -8.20
CA SER C 99 -13.55 6.10 -7.54
C SER C 99 -14.19 5.25 -6.44
N THR C 100 -13.34 4.58 -5.66
CA THR C 100 -13.78 3.73 -4.55
C THR C 100 -12.65 3.65 -3.54
N THR C 101 -13.01 3.74 -2.27
CA THR C 101 -12.06 3.64 -1.17
C THR C 101 -12.47 2.51 -0.23
N VAL C 102 -11.49 1.75 0.23
CA VAL C 102 -11.72 0.68 1.20
C VAL C 102 -10.81 0.91 2.39
N PHE C 103 -11.37 0.79 3.59
CA PHE C 103 -10.64 0.94 4.85
C PHE C 103 -10.55 -0.41 5.55
N THR C 104 -9.53 -0.54 6.38
CA THR C 104 -9.38 -1.72 7.22
C THR C 104 -8.46 -1.38 8.37
N GLY C 105 -8.84 -1.81 9.58
CA GLY C 105 -8.05 -1.53 10.76
C GLY C 105 -8.48 -2.35 11.96
N GLN C 106 -8.21 -1.83 13.16
CA GLN C 106 -8.55 -2.52 14.40
C GLN C 106 -9.04 -1.50 15.41
N CYS C 107 -10.05 -1.90 16.18
CA CYS C 107 -10.59 -1.05 17.25
C CYS C 107 -9.74 -1.24 18.50
N PHE C 108 -9.06 -0.18 18.93
CA PHE C 108 -8.15 -0.24 20.06
C PHE C 108 -8.69 0.57 21.23
N ILE C 109 -8.08 0.36 22.40
CA ILE C 109 -8.37 1.12 23.60
C ILE C 109 -7.05 1.69 24.13
N ASP C 110 -7.08 2.95 24.53
CA ASP C 110 -5.87 3.65 24.94
C ASP C 110 -5.59 3.43 26.43
N ARG C 111 -4.50 4.04 26.90
CA ARG C 111 -4.20 4.01 28.33
C ARG C 111 -5.24 4.79 29.13
N ASN C 112 -5.90 5.76 28.50
CA ASN C 112 -6.97 6.53 29.14
C ASN C 112 -8.35 5.98 28.81
N GLY C 113 -8.43 4.72 28.35
CA GLY C 113 -9.71 4.13 28.04
C GLY C 113 -10.40 4.70 26.82
N LYS C 114 -9.68 5.43 25.98
CA LYS C 114 -10.26 6.04 24.79
C LYS C 114 -10.22 5.06 23.62
N GLU C 115 -11.34 4.98 22.89
CA GLU C 115 -11.42 4.13 21.72
C GLU C 115 -10.76 4.79 20.52
N VAL C 116 -10.00 4.01 19.76
CA VAL C 116 -9.31 4.51 18.58
C VAL C 116 -9.46 3.49 17.46
N LEU C 117 -9.80 3.97 16.26
CA LEU C 117 -9.86 3.14 15.06
C LEU C 117 -8.61 3.44 14.23
N LYS C 118 -7.60 2.58 14.35
CA LYS C 118 -6.41 2.67 13.52
C LYS C 118 -6.67 1.94 12.21
N THR C 119 -6.60 2.67 11.09
CA THR C 119 -6.95 2.08 9.81
C THR C 119 -5.99 2.53 8.72
N MET C 120 -5.92 1.73 7.67
CA MET C 120 -5.29 2.10 6.42
C MET C 120 -6.30 1.91 5.29
N TRP C 121 -6.16 2.68 4.23
CA TRP C 121 -7.12 2.65 3.13
C TRP C 121 -6.41 2.60 1.79
N LEU C 122 -7.08 1.98 0.82
CA LEU C 122 -6.65 1.97 -0.57
C LEU C 122 -7.68 2.74 -1.38
N LEU C 123 -7.24 3.75 -2.12
CA LEU C 123 -8.12 4.61 -2.90
C LEU C 123 -7.95 4.25 -4.38
N ARG C 124 -8.96 3.64 -4.97
CA ARG C 124 -8.91 3.18 -6.35
C ARG C 124 -9.52 4.23 -7.27
N SER C 125 -8.70 4.76 -8.16
CA SER C 125 -9.15 5.69 -9.18
C SER C 125 -9.61 4.91 -10.40
N SER C 126 -10.52 5.53 -11.16
CA SER C 126 -11.02 4.95 -12.41
C SER C 126 -10.10 5.38 -13.54
N VAL C 127 -9.55 4.41 -14.27
CA VAL C 127 -8.64 4.71 -15.37
C VAL C 127 -9.32 4.30 -16.69
N ASN C 128 -8.81 4.88 -17.78
CA ASN C 128 -9.43 4.65 -19.08
C ASN C 128 -9.18 3.22 -19.57
N ASP C 129 -7.92 2.88 -19.81
CA ASP C 129 -7.54 1.56 -20.30
C ASP C 129 -6.83 0.77 -19.21
N ILE C 130 -6.95 -0.56 -19.28
CA ILE C 130 -6.26 -1.42 -18.35
C ILE C 130 -4.76 -1.15 -18.34
N GLY C 131 -4.24 -0.61 -19.44
CA GLY C 131 -2.84 -0.26 -19.48
C GLY C 131 -2.47 0.82 -18.49
N ASP C 132 -3.44 1.67 -18.13
CA ASP C 132 -3.22 2.74 -17.16
C ASP C 132 -3.48 2.28 -15.73
N ASP C 133 -3.52 0.97 -15.49
CA ASP C 133 -3.85 0.47 -14.15
C ASP C 133 -2.76 0.76 -13.13
N TRP C 134 -1.49 0.79 -13.56
CA TRP C 134 -0.38 0.91 -12.63
C TRP C 134 -0.52 2.14 -11.73
N LYS C 135 -1.16 3.20 -12.23
CA LYS C 135 -1.22 4.47 -11.52
C LYS C 135 -2.58 4.74 -10.90
N ALA C 136 -3.38 3.70 -10.62
CA ALA C 136 -4.77 3.89 -10.25
C ALA C 136 -5.03 3.81 -8.76
N THR C 137 -4.09 3.31 -7.96
CA THR C 137 -4.32 3.02 -6.55
C THR C 137 -3.44 3.90 -5.68
N ARG C 138 -4.07 4.61 -4.74
CA ARG C 138 -3.38 5.34 -3.69
C ARG C 138 -3.53 4.62 -2.37
N VAL C 139 -2.71 4.98 -1.40
CA VAL C 139 -2.69 4.34 -0.09
C VAL C 139 -2.48 5.39 0.97
N GLY C 140 -3.03 5.13 2.16
CA GLY C 140 -2.93 6.07 3.26
C GLY C 140 -3.50 5.47 4.53
N ILE C 141 -3.47 6.27 5.59
CA ILE C 141 -3.96 5.85 6.89
C ILE C 141 -5.04 6.85 7.35
N ASN C 142 -5.77 6.45 8.38
CA ASN C 142 -6.75 7.32 9.02
C ASN C 142 -6.97 6.82 10.43
N ILE C 143 -6.89 7.75 11.39
CA ILE C 143 -7.12 7.46 12.81
C ILE C 143 -8.44 8.07 13.20
N PHE C 144 -9.31 7.27 13.84
CA PHE C 144 -10.67 7.68 14.13
C PHE C 144 -10.90 7.75 15.63
N THR C 145 -11.64 8.79 16.04
CA THR C 145 -12.15 8.92 17.41
C THR C 145 -13.61 9.32 17.35
N ARG C 146 -14.36 8.95 18.38
CA ARG C 146 -15.79 9.22 18.40
C ARG C 146 -16.07 10.71 18.40
N LEU C 147 -16.97 11.14 17.54
CA LEU C 147 -17.31 12.56 17.43
C LEU C 147 -18.28 12.97 18.52
N LYS D 27 -20.99 -3.12 -19.01
CA LYS D 27 -20.76 -4.39 -19.68
C LYS D 27 -19.84 -5.30 -18.88
N CYS D 28 -19.06 -4.69 -17.98
CA CYS D 28 -18.12 -5.41 -17.13
C CYS D 28 -18.72 -5.47 -15.73
N SER D 29 -19.47 -6.53 -15.46
CA SER D 29 -20.09 -6.73 -14.16
C SER D 29 -19.33 -7.78 -13.36
N LEU D 30 -19.28 -7.60 -12.05
CA LEU D 30 -18.55 -8.51 -11.18
C LEU D 30 -19.32 -9.77 -10.85
N THR D 31 -20.61 -9.83 -11.16
CA THR D 31 -21.38 -11.04 -10.91
C THR D 31 -20.79 -12.20 -11.69
N GLY D 32 -20.65 -13.33 -11.01
CA GLY D 32 -20.08 -14.53 -11.59
C GLY D 32 -19.04 -15.12 -10.66
N LYS D 33 -18.33 -16.12 -11.16
CA LYS D 33 -17.28 -16.79 -10.42
C LYS D 33 -15.93 -16.40 -10.99
N TRP D 34 -15.01 -16.00 -10.11
CA TRP D 34 -13.71 -15.51 -10.50
C TRP D 34 -12.60 -16.33 -9.85
N THR D 35 -11.42 -16.31 -10.46
CA THR D 35 -10.22 -16.93 -9.91
C THR D 35 -9.05 -15.98 -10.10
N ASN D 36 -8.14 -15.96 -9.12
CA ASN D 36 -7.03 -15.03 -9.11
C ASN D 36 -5.71 -15.74 -9.39
N ASP D 37 -4.66 -14.94 -9.56
CA ASP D 37 -3.34 -15.48 -9.87
C ASP D 37 -2.80 -16.41 -8.79
N LEU D 38 -3.28 -16.28 -7.55
CA LEU D 38 -2.89 -17.17 -6.48
C LEU D 38 -3.66 -18.49 -6.50
N GLY D 39 -4.68 -18.61 -7.35
CA GLY D 39 -5.51 -19.78 -7.37
C GLY D 39 -6.76 -19.70 -6.53
N SER D 40 -6.97 -18.60 -5.81
CA SER D 40 -8.19 -18.44 -5.02
C SER D 40 -9.39 -18.21 -5.94
N ASN D 41 -10.57 -18.53 -5.42
CA ASN D 41 -11.82 -18.35 -6.14
C ASN D 41 -12.78 -17.53 -5.30
N MET D 42 -13.58 -16.70 -5.97
CA MET D 42 -14.67 -16.00 -5.32
C MET D 42 -15.90 -16.04 -6.22
N THR D 43 -17.08 -15.98 -5.60
CA THR D 43 -18.34 -15.93 -6.31
C THR D 43 -19.10 -14.69 -5.85
N ILE D 44 -19.47 -13.83 -6.78
CA ILE D 44 -20.14 -12.58 -6.49
C ILE D 44 -21.58 -12.68 -6.96
N GLY D 45 -22.51 -12.55 -6.02
CA GLY D 45 -23.92 -12.63 -6.33
C GLY D 45 -24.42 -11.46 -7.15
N ALA D 46 -25.65 -11.04 -6.91
CA ALA D 46 -26.25 -9.97 -7.68
C ALA D 46 -25.80 -8.60 -7.17
N VAL D 47 -25.67 -7.65 -8.10
CA VAL D 47 -25.31 -6.27 -7.81
C VAL D 47 -26.56 -5.42 -8.03
N ASN D 48 -27.05 -4.81 -6.95
CA ASN D 48 -28.33 -4.14 -7.00
C ASN D 48 -28.17 -2.72 -7.55
N SER D 49 -29.26 -1.94 -7.47
CA SER D 49 -29.26 -0.60 -8.05
C SER D 49 -28.19 0.27 -7.43
N ARG D 50 -28.03 0.21 -6.10
CA ARG D 50 -27.05 1.01 -5.40
C ARG D 50 -25.62 0.52 -5.61
N GLY D 51 -25.43 -0.60 -6.32
CA GLY D 51 -24.13 -1.17 -6.51
C GLY D 51 -23.68 -2.11 -5.42
N GLU D 52 -24.53 -2.38 -4.44
CA GLU D 52 -24.16 -3.27 -3.35
C GLU D 52 -24.17 -4.71 -3.83
N PHE D 53 -23.29 -5.53 -3.23
CA PHE D 53 -23.24 -6.93 -3.59
C PHE D 53 -22.59 -7.71 -2.46
N THR D 54 -22.87 -9.01 -2.44
CA THR D 54 -22.23 -9.96 -1.53
C THR D 54 -21.74 -11.16 -2.35
N GLY D 55 -21.06 -12.07 -1.69
CA GLY D 55 -20.50 -13.21 -2.40
C GLY D 55 -19.71 -14.09 -1.47
N THR D 56 -18.90 -14.95 -2.06
CA THR D 56 -18.12 -15.93 -1.32
C THR D 56 -16.67 -15.93 -1.80
N TYR D 57 -15.75 -16.19 -0.88
CA TYR D 57 -14.33 -16.18 -1.18
C TYR D 57 -13.71 -17.44 -0.60
N ILE D 58 -13.04 -18.23 -1.44
CA ILE D 58 -12.34 -19.43 -1.02
C ILE D 58 -10.86 -19.20 -1.30
N THR D 59 -10.12 -18.78 -0.28
CA THR D 59 -8.70 -18.49 -0.44
C THR D 59 -7.92 -19.78 -0.75
N ALA D 60 -6.98 -19.67 -1.67
CA ALA D 60 -6.10 -20.78 -2.01
C ALA D 60 -4.87 -20.86 -1.12
N VAL D 61 -4.40 -19.73 -0.60
CA VAL D 61 -3.24 -19.70 0.28
C VAL D 61 -3.66 -19.17 1.64
N THR D 62 -2.78 -19.37 2.62
CA THR D 62 -2.97 -18.91 3.99
C THR D 62 -1.71 -19.27 4.77
N ALA D 63 -1.54 -18.61 5.93
CA ALA D 63 -0.40 -18.86 6.79
C ALA D 63 -0.81 -19.38 8.16
N THR D 64 -2.08 -19.75 8.34
CA THR D 64 -2.55 -20.36 9.59
C THR D 64 -2.85 -21.84 9.35
N SER D 65 -2.50 -22.67 10.32
CA SER D 65 -2.80 -24.09 10.22
C SER D 65 -4.27 -24.40 10.31
N ASN D 66 -5.09 -23.44 10.77
CA ASN D 66 -6.53 -23.64 10.76
C ASN D 66 -7.02 -23.94 9.35
N GLU D 67 -7.84 -24.98 9.24
CA GLU D 67 -8.32 -25.42 7.93
C GLU D 67 -9.02 -24.28 7.20
N ILE D 68 -8.60 -24.05 5.95
CA ILE D 68 -9.20 -22.99 5.15
C ILE D 68 -10.69 -23.21 5.05
N LYS D 69 -11.47 -22.20 5.45
CA LYS D 69 -12.92 -22.28 5.48
C LYS D 69 -13.53 -21.16 4.64
N GLU D 70 -14.43 -21.52 3.73
CA GLU D 70 -15.12 -20.56 2.89
C GLU D 70 -15.60 -19.37 3.71
N SER D 71 -15.35 -18.16 3.21
CA SER D 71 -15.67 -16.95 3.94
C SER D 71 -16.56 -16.03 3.13
N PRO D 72 -17.45 -15.31 3.80
CA PRO D 72 -18.34 -14.38 3.09
C PRO D 72 -17.63 -13.07 2.79
N LEU D 73 -18.15 -12.38 1.77
CA LEU D 73 -17.60 -11.09 1.36
C LEU D 73 -18.73 -10.12 1.09
N HIS D 74 -18.52 -8.86 1.42
CA HIS D 74 -19.48 -7.79 1.17
C HIS D 74 -18.76 -6.61 0.54
N GLY D 75 -19.30 -6.11 -0.57
CA GLY D 75 -18.68 -5.02 -1.27
C GLY D 75 -19.72 -4.21 -2.01
N THR D 76 -19.24 -3.20 -2.74
CA THR D 76 -20.14 -2.35 -3.49
C THR D 76 -19.43 -1.88 -4.75
N GLN D 77 -20.21 -1.68 -5.81
CA GLN D 77 -19.72 -1.24 -7.10
C GLN D 77 -20.12 0.21 -7.32
N ASN D 78 -19.23 0.98 -7.95
CA ASN D 78 -19.50 2.38 -8.20
C ASN D 78 -20.51 2.52 -9.34
N THR D 79 -21.46 3.45 -9.17
CA THR D 79 -22.57 3.61 -10.11
C THR D 79 -22.58 4.96 -10.81
N ILE D 80 -21.65 5.85 -10.48
CA ILE D 80 -21.63 7.18 -11.08
C ILE D 80 -21.27 7.06 -12.56
N ASN D 81 -22.17 7.51 -13.42
CA ASN D 81 -22.02 7.55 -14.87
C ASN D 81 -22.19 6.17 -15.50
N LYS D 82 -22.40 5.11 -14.72
CA LYS D 82 -22.59 3.76 -15.24
C LYS D 82 -21.47 3.39 -16.23
N ARG D 83 -20.24 3.69 -15.83
CA ARG D 83 -19.09 3.37 -16.66
C ARG D 83 -19.05 1.88 -16.99
N THR D 84 -18.72 1.56 -18.23
CA THR D 84 -18.62 0.17 -18.63
C THR D 84 -17.58 -0.57 -17.82
N GLN D 85 -16.58 0.15 -17.29
CA GLN D 85 -15.50 -0.42 -16.49
C GLN D 85 -15.48 0.29 -15.14
N PRO D 86 -16.32 -0.11 -14.21
CA PRO D 86 -16.44 0.61 -12.94
C PRO D 86 -15.39 0.15 -11.93
N THR D 87 -15.25 0.95 -10.88
CA THR D 87 -14.43 0.59 -9.74
C THR D 87 -15.28 -0.09 -8.69
N PHE D 88 -14.63 -0.81 -7.78
CA PHE D 88 -15.34 -1.58 -6.78
C PHE D 88 -14.46 -1.79 -5.57
N GLY D 89 -15.08 -2.24 -4.49
CA GLY D 89 -14.36 -2.64 -3.30
C GLY D 89 -15.22 -3.56 -2.47
N PHE D 90 -14.57 -4.44 -1.71
CA PHE D 90 -15.32 -5.34 -0.85
C PHE D 90 -14.42 -5.82 0.27
N THR D 91 -15.05 -6.16 1.39
CA THR D 91 -14.39 -6.77 2.53
C THR D 91 -14.64 -8.27 2.53
N VAL D 92 -13.67 -9.02 3.04
CA VAL D 92 -13.78 -10.47 3.17
C VAL D 92 -13.67 -10.77 4.66
N ASN D 93 -14.78 -11.21 5.25
CA ASN D 93 -14.84 -11.50 6.68
C ASN D 93 -14.42 -12.95 6.88
N TRP D 94 -13.13 -13.14 7.16
CA TRP D 94 -12.59 -14.49 7.30
C TRP D 94 -13.28 -15.24 8.44
N LYS D 95 -13.63 -16.49 8.18
CA LYS D 95 -14.29 -17.34 9.17
C LYS D 95 -13.34 -18.34 9.80
N PHE D 96 -12.07 -18.35 9.39
CA PHE D 96 -11.08 -19.27 9.96
C PHE D 96 -9.85 -18.51 10.48
N SER D 97 -9.96 -17.21 10.66
CA SER D 97 -8.84 -16.41 11.13
C SER D 97 -9.38 -15.12 11.75
N GLU D 98 -8.55 -14.49 12.55
CA GLU D 98 -8.91 -13.25 13.21
C GLU D 98 -8.67 -12.02 12.33
N SER D 99 -8.30 -12.23 11.06
CA SER D 99 -7.88 -11.16 10.17
C SER D 99 -9.03 -10.67 9.30
N THR D 100 -8.77 -9.58 8.58
CA THR D 100 -9.71 -9.01 7.62
C THR D 100 -8.94 -8.51 6.42
N THR D 101 -9.47 -8.74 5.23
CA THR D 101 -8.83 -8.28 3.99
C THR D 101 -9.82 -7.46 3.19
N VAL D 102 -9.34 -6.37 2.61
CA VAL D 102 -10.15 -5.48 1.79
C VAL D 102 -9.54 -5.42 0.40
N PHE D 103 -10.37 -5.59 -0.62
CA PHE D 103 -9.94 -5.53 -2.01
C PHE D 103 -10.57 -4.32 -2.68
N THR D 104 -9.79 -3.61 -3.49
CA THR D 104 -10.31 -2.55 -4.34
C THR D 104 -9.68 -2.66 -5.71
N GLY D 105 -10.47 -2.41 -6.75
CA GLY D 105 -9.98 -2.53 -8.11
C GLY D 105 -10.90 -1.97 -9.17
N GLN D 106 -10.81 -2.52 -10.38
CA GLN D 106 -11.59 -2.04 -11.51
C GLN D 106 -11.87 -3.20 -12.44
N CYS D 107 -13.07 -3.20 -13.03
CA CYS D 107 -13.47 -4.21 -13.99
C CYS D 107 -13.06 -3.75 -15.39
N PHE D 108 -12.18 -4.51 -16.04
CA PHE D 108 -11.63 -4.11 -17.32
C PHE D 108 -12.06 -5.07 -18.42
N ILE D 109 -12.04 -4.57 -19.64
CA ILE D 109 -12.27 -5.36 -20.85
C ILE D 109 -11.06 -5.15 -21.75
N ASP D 110 -10.20 -6.16 -21.85
CA ASP D 110 -8.96 -6.03 -22.60
C ASP D 110 -9.24 -6.07 -24.11
N ARG D 111 -8.16 -5.96 -24.89
CA ARG D 111 -8.29 -5.97 -26.35
C ARG D 111 -8.99 -7.23 -26.85
N ASN D 112 -8.66 -8.38 -26.26
CA ASN D 112 -9.28 -9.63 -26.67
C ASN D 112 -10.79 -9.58 -26.45
N GLY D 113 -11.22 -9.02 -25.32
CA GLY D 113 -12.63 -8.99 -24.95
C GLY D 113 -12.95 -9.67 -23.65
N LYS D 114 -11.97 -10.26 -22.96
CA LYS D 114 -12.21 -10.94 -21.70
C LYS D 114 -12.29 -9.93 -20.55
N GLU D 115 -13.14 -10.22 -19.58
CA GLU D 115 -13.26 -9.38 -18.40
C GLU D 115 -12.16 -9.74 -17.40
N VAL D 116 -11.51 -8.72 -16.86
CA VAL D 116 -10.45 -8.88 -15.88
C VAL D 116 -10.69 -7.93 -14.71
N LEU D 117 -10.32 -8.38 -13.52
CA LEU D 117 -10.42 -7.58 -12.30
C LEU D 117 -9.01 -7.29 -11.78
N LYS D 118 -8.58 -6.04 -11.89
CA LYS D 118 -7.30 -5.60 -11.34
C LYS D 118 -7.54 -5.04 -9.95
N THR D 119 -6.94 -5.67 -8.94
CA THR D 119 -7.23 -5.31 -7.55
C THR D 119 -5.95 -5.22 -6.74
N MET D 120 -6.01 -4.43 -5.68
CA MET D 120 -4.99 -4.41 -4.64
C MET D 120 -5.71 -4.57 -3.30
N TRP D 121 -5.08 -5.29 -2.38
CA TRP D 121 -5.72 -5.62 -1.11
C TRP D 121 -4.85 -5.20 0.06
N LEU D 122 -5.50 -4.95 1.19
CA LEU D 122 -4.85 -4.75 2.47
C LEU D 122 -5.27 -5.88 3.41
N LEU D 123 -4.30 -6.47 4.10
CA LEU D 123 -4.55 -7.55 5.05
C LEU D 123 -4.29 -7.03 6.45
N ARG D 124 -5.36 -6.73 7.18
CA ARG D 124 -5.25 -6.22 8.54
C ARG D 124 -5.11 -7.39 9.52
N SER D 125 -3.97 -7.46 10.20
CA SER D 125 -3.78 -8.48 11.22
C SER D 125 -4.28 -7.99 12.56
N SER D 126 -4.57 -8.95 13.44
CA SER D 126 -5.09 -8.67 14.78
C SER D 126 -3.92 -8.69 15.75
N VAL D 127 -3.55 -7.53 16.25
CA VAL D 127 -2.52 -7.41 17.28
C VAL D 127 -3.20 -7.10 18.61
N ASN D 128 -2.49 -7.41 19.70
CA ASN D 128 -3.09 -7.27 21.02
C ASN D 128 -3.09 -5.81 21.47
N ASP D 129 -1.92 -5.19 21.53
CA ASP D 129 -1.79 -3.81 21.98
C ASP D 129 -1.75 -2.87 20.77
N ILE D 130 -2.10 -1.60 21.02
CA ILE D 130 -2.01 -0.57 19.99
C ILE D 130 -0.58 -0.20 19.66
N GLY D 131 0.38 -0.64 20.48
CA GLY D 131 1.79 -0.44 20.16
C GLY D 131 2.32 -1.35 19.08
N ASP D 132 1.65 -2.48 18.84
CA ASP D 132 2.02 -3.38 17.75
C ASP D 132 1.27 -3.06 16.47
N ASP D 133 0.49 -1.98 16.44
CA ASP D 133 -0.35 -1.70 15.27
C ASP D 133 0.48 -1.41 14.03
N TRP D 134 1.66 -0.82 14.19
CA TRP D 134 2.47 -0.43 13.03
C TRP D 134 2.79 -1.60 12.12
N LYS D 135 2.66 -2.83 12.61
CA LYS D 135 3.07 -4.02 11.86
C LYS D 135 1.90 -4.95 11.57
N ALA D 136 0.70 -4.40 11.44
CA ALA D 136 -0.52 -5.21 11.35
C ALA D 136 -1.24 -5.09 10.03
N THR D 137 -0.61 -4.51 9.00
CA THR D 137 -1.27 -4.31 7.71
C THR D 137 -0.31 -4.70 6.59
N ARG D 138 -0.65 -5.76 5.87
CA ARG D 138 0.07 -6.18 4.67
C ARG D 138 -0.66 -5.68 3.43
N VAL D 139 0.06 -5.68 2.30
CA VAL D 139 -0.48 -5.15 1.06
C VAL D 139 -0.06 -6.05 -0.10
N GLY D 140 -0.89 -6.07 -1.13
CA GLY D 140 -0.61 -6.86 -2.31
C GLY D 140 -1.66 -6.62 -3.37
N ILE D 141 -1.52 -7.36 -4.46
CA ILE D 141 -2.44 -7.27 -5.58
C ILE D 141 -3.02 -8.65 -5.87
N ASN D 142 -4.03 -8.68 -6.73
CA ASN D 142 -4.59 -9.91 -7.26
C ASN D 142 -5.28 -9.59 -8.58
N ILE D 143 -5.08 -10.47 -9.56
CA ILE D 143 -5.73 -10.34 -10.86
C ILE D 143 -6.73 -11.49 -10.99
N PHE D 144 -7.99 -11.14 -11.21
CA PHE D 144 -9.07 -12.12 -11.31
C PHE D 144 -9.52 -12.26 -12.75
N THR D 145 -9.80 -13.50 -13.15
CA THR D 145 -10.44 -13.78 -14.43
C THR D 145 -11.57 -14.78 -14.22
N ARG D 146 -12.62 -14.64 -15.03
CA ARG D 146 -13.80 -15.49 -14.89
C ARG D 146 -13.41 -16.96 -14.94
N LEU D 147 -13.95 -17.73 -14.00
CA LEU D 147 -13.66 -19.15 -13.92
C LEU D 147 -14.61 -19.97 -14.80
#